data_3OCA
#
_entry.id   3OCA
#
_cell.length_a   84.260
_cell.length_b   64.430
_cell.length_c   80.910
_cell.angle_alpha   90.00
_cell.angle_beta   90.00
_cell.angle_gamma   90.00
#
_symmetry.space_group_name_H-M   'P 21 21 2'
#
loop_
_entity.id
_entity.type
_entity.pdbx_description
1 polymer 'Peptide deformylase'
2 non-polymer 'ZINC ION'
3 non-polymer 'CHLORIDE ION'
4 water water
#
_entity_poly.entity_id   1
_entity_poly.type   'polypeptide(L)'
_entity_poly.pdbx_seq_one_letter_code
;MAHHHHHHMGTLEAQTQGPGSMSVLSIVTVPDKRLSLCSEEVEKVDQSIRKLVDDMFETMHANQGLGLAAVQVGVHKRIL
VMNVPEEFEDSEDIENVEDKIEGYELYGGPYCIINPKIVDISQEKVKLKEGCLSVPGYFDYIVRPQRIAVQYLDYNGNEC
IIKAQGWLARCLQHEIDHLNGTVFLKYLSKFKRDFAIEKVKKKERTDLI
;
_entity_poly.pdbx_strand_id   A,B
#
# COMPACT_ATOMS: atom_id res chain seq x y z
N SER A 23 -9.10 27.31 -0.54
CA SER A 23 -9.90 27.24 -1.81
C SER A 23 -10.67 25.93 -1.86
N VAL A 24 -11.96 25.98 -2.22
CA VAL A 24 -12.82 24.78 -2.19
C VAL A 24 -12.86 24.04 -3.51
N LEU A 25 -12.28 22.85 -3.54
CA LEU A 25 -12.15 22.09 -4.77
C LEU A 25 -13.39 21.18 -5.00
N SER A 26 -13.61 20.83 -6.26
CA SER A 26 -14.63 19.87 -6.62
C SER A 26 -14.13 18.48 -6.23
N ILE A 27 -15.06 17.66 -5.75
CA ILE A 27 -14.76 16.34 -5.27
C ILE A 27 -15.10 15.27 -6.29
N VAL A 28 -14.13 14.43 -6.61
CA VAL A 28 -14.31 13.35 -7.56
C VAL A 28 -15.25 12.32 -6.92
N THR A 29 -16.28 11.93 -7.65
CA THR A 29 -17.28 11.03 -7.11
C THR A 29 -17.38 9.76 -7.97
N VAL A 30 -17.76 8.66 -7.32
CA VAL A 30 -17.98 7.41 -8.01
C VAL A 30 -19.03 7.62 -9.08
N PRO A 31 -18.91 6.91 -10.22
CA PRO A 31 -17.95 5.86 -10.56
C PRO A 31 -16.66 6.33 -11.27
N ASP A 32 -16.33 7.61 -11.16
CA ASP A 32 -15.11 8.15 -11.76
C ASP A 32 -13.91 7.19 -11.62
N LYS A 33 -13.34 6.78 -12.76
CA LYS A 33 -12.26 5.80 -12.78
C LYS A 33 -11.00 6.25 -12.03
N ARG A 34 -10.85 7.55 -11.80
CA ARG A 34 -9.67 8.05 -11.09
C ARG A 34 -9.59 7.59 -9.63
N LEU A 35 -10.74 7.34 -9.01
CA LEU A 35 -10.80 6.81 -7.67
C LEU A 35 -10.27 5.38 -7.52
N SER A 36 -10.15 4.66 -8.64
CA SER A 36 -9.59 3.31 -8.64
C SER A 36 -8.09 3.20 -8.89
N LEU A 37 -7.42 4.31 -9.19
CA LEU A 37 -5.98 4.25 -9.43
C LEU A 37 -5.21 4.51 -8.12
N CYS A 38 -4.07 3.82 -7.95
CA CYS A 38 -3.22 4.00 -6.78
C CYS A 38 -2.53 5.36 -6.80
N SER A 39 -2.23 5.91 -5.63
CA SER A 39 -1.61 7.24 -5.52
C SER A 39 -0.11 7.09 -5.30
N GLU A 40 0.67 8.04 -5.78
CA GLU A 40 2.12 7.94 -5.68
C GLU A 40 2.73 8.53 -4.39
N GLU A 41 3.85 7.97 -3.97
CA GLU A 41 4.64 8.54 -2.89
C GLU A 41 4.97 10.01 -3.23
N VAL A 42 4.95 10.88 -2.22
CA VAL A 42 5.37 12.29 -2.34
C VAL A 42 6.87 12.31 -2.08
N GLU A 43 7.66 12.81 -3.03
CA GLU A 43 9.14 12.81 -2.93
C GLU A 43 9.65 13.88 -1.98
N LYS A 44 9.06 15.07 -2.05
CA LYS A 44 9.46 16.15 -1.18
C LYS A 44 8.24 16.95 -0.76
N VAL A 45 8.07 17.19 0.53
CA VAL A 45 6.97 18.03 1.03
C VAL A 45 7.36 19.49 0.92
N ASP A 46 7.07 20.11 -0.23
CA ASP A 46 7.46 21.51 -0.52
C ASP A 46 6.23 22.43 -0.46
N GLN A 47 6.36 23.69 -0.87
CA GLN A 47 5.22 24.63 -0.76
C GLN A 47 4.03 24.17 -1.64
N SER A 48 4.30 23.48 -2.75
CA SER A 48 3.21 23.02 -3.62
C SER A 48 2.38 21.95 -2.92
N ILE A 49 3.04 21.16 -2.06
CA ILE A 49 2.34 20.15 -1.27
C ILE A 49 1.52 20.81 -0.16
N ARG A 50 2.13 21.72 0.59
CA ARG A 50 1.36 22.44 1.60
C ARG A 50 0.14 23.17 1.01
N LYS A 51 0.28 23.75 -0.18
CA LYS A 51 -0.85 24.44 -0.81
C LYS A 51 -1.99 23.44 -1.08
N LEU A 52 -1.65 22.28 -1.63
CA LEU A 52 -2.64 21.22 -1.85
C LEU A 52 -3.29 20.80 -0.53
N VAL A 53 -2.51 20.70 0.54
CA VAL A 53 -3.07 20.32 1.85
C VAL A 53 -3.99 21.41 2.36
N ASP A 54 -3.58 22.66 2.25
CA ASP A 54 -4.45 23.79 2.62
C ASP A 54 -5.80 23.64 1.91
N ASP A 55 -5.75 23.40 0.61
CA ASP A 55 -6.98 23.27 -0.18
C ASP A 55 -7.82 22.07 0.24
N MET A 56 -7.17 20.98 0.59
CA MET A 56 -7.86 19.79 1.07
C MET A 56 -8.55 20.02 2.42
N PHE A 57 -7.90 20.74 3.34
CA PHE A 57 -8.55 21.13 4.60
C PHE A 57 -9.80 21.96 4.35
N GLU A 58 -9.67 22.99 3.52
CA GLU A 58 -10.81 23.90 3.22
C GLU A 58 -11.95 23.11 2.56
N THR A 59 -11.60 22.23 1.63
CA THR A 59 -12.59 21.42 0.96
C THR A 59 -13.29 20.45 1.92
N MET A 60 -12.54 19.93 2.89
CA MET A 60 -13.10 19.02 3.92
C MET A 60 -14.03 19.78 4.90
N HIS A 61 -13.56 20.91 5.42
CA HIS A 61 -14.40 21.74 6.26
C HIS A 61 -15.69 22.10 5.52
N ALA A 62 -15.55 22.54 4.27
CA ALA A 62 -16.70 23.06 3.53
C ALA A 62 -17.77 22.00 3.24
N ASN A 63 -17.38 20.73 3.18
CA ASN A 63 -18.32 19.65 2.84
C ASN A 63 -18.73 18.81 4.06
N GLN A 64 -18.31 19.24 5.25
CA GLN A 64 -18.75 18.64 6.51
C GLN A 64 -18.11 17.26 6.75
N GLY A 65 -16.87 17.08 6.25
CA GLY A 65 -16.21 15.76 6.26
C GLY A 65 -15.23 15.61 7.40
N LEU A 66 -14.99 14.36 7.82
CA LEU A 66 -14.00 14.03 8.85
C LEU A 66 -12.63 13.70 8.26
N GLY A 67 -12.59 13.37 6.98
CA GLY A 67 -11.33 13.01 6.31
C GLY A 67 -11.45 13.17 4.80
N LEU A 68 -10.29 13.30 4.14
CA LEU A 68 -10.20 13.49 2.70
C LEU A 68 -8.80 13.10 2.16
N ALA A 69 -8.78 12.33 1.06
CA ALA A 69 -7.58 11.91 0.38
C ALA A 69 -7.38 12.76 -0.86
N ALA A 70 -6.14 12.95 -1.28
CA ALA A 70 -5.84 13.85 -2.40
C ALA A 70 -6.54 13.39 -3.66
N VAL A 71 -6.66 12.08 -3.83
CA VAL A 71 -7.29 11.51 -5.03
C VAL A 71 -8.73 11.96 -5.16
N GLN A 72 -9.39 12.18 -4.02
CA GLN A 72 -10.77 12.67 -4.01
C GLN A 72 -10.88 14.07 -4.60
N VAL A 73 -9.76 14.80 -4.67
CA VAL A 73 -9.74 16.08 -5.42
C VAL A 73 -8.90 15.98 -6.68
N GLY A 74 -8.71 14.77 -7.20
CA GLY A 74 -8.14 14.60 -8.54
C GLY A 74 -6.63 14.52 -8.62
N VAL A 75 -5.95 14.38 -7.48
CA VAL A 75 -4.48 14.33 -7.44
C VAL A 75 -4.02 13.00 -6.89
N HIS A 76 -3.26 12.24 -7.67
CA HIS A 76 -2.87 10.91 -7.26
C HIS A 76 -1.58 10.89 -6.47
N LYS A 77 -1.62 11.44 -5.26
CA LYS A 77 -0.46 11.46 -4.37
C LYS A 77 -0.88 11.02 -3.00
N ARG A 78 0.07 10.45 -2.26
CA ARG A 78 -0.23 9.83 -0.97
C ARG A 78 -0.31 10.89 0.14
N ILE A 79 -1.42 11.59 0.18
CA ILE A 79 -1.65 12.69 1.10
C ILE A 79 -3.08 12.57 1.57
N LEU A 80 -3.30 12.63 2.88
CA LEU A 80 -4.65 12.71 3.43
C LEU A 80 -4.72 13.67 4.63
N VAL A 81 -5.91 14.19 4.88
CA VAL A 81 -6.17 15.04 6.00
C VAL A 81 -7.36 14.47 6.78
N MET A 82 -7.38 14.73 8.09
CA MET A 82 -8.43 14.27 8.99
C MET A 82 -8.68 15.29 10.06
N ASN A 83 -9.93 15.44 10.49
CA ASN A 83 -10.21 16.10 11.78
C ASN A 83 -11.38 15.40 12.44
N VAL A 84 -11.11 14.68 13.53
CA VAL A 84 -12.15 13.96 14.25
C VAL A 84 -12.33 14.69 15.57
N PRO A 85 -13.46 15.39 15.73
CA PRO A 85 -13.70 16.18 16.91
C PRO A 85 -14.23 15.28 18.01
N GLU A 86 -14.14 15.67 19.29
CA GLU A 86 -14.79 14.89 20.35
C GLU A 86 -16.32 15.08 20.28
N GLU A 95 -19.45 3.81 21.98
CA GLU A 95 -18.61 2.63 21.82
C GLU A 95 -18.38 1.84 23.12
N ASN A 96 -19.19 0.78 23.30
CA ASN A 96 -18.83 -0.36 24.14
C ASN A 96 -18.49 -1.55 23.22
N VAL A 97 -18.37 -1.26 21.92
CA VAL A 97 -17.91 -2.21 20.91
C VAL A 97 -16.39 -2.20 20.78
N GLU A 98 -15.73 -1.20 21.37
CA GLU A 98 -14.27 -1.13 21.46
C GLU A 98 -13.77 -0.93 22.88
N ASP A 99 -12.68 -1.62 23.24
CA ASP A 99 -11.94 -1.30 24.47
C ASP A 99 -11.15 -0.03 24.24
N LYS A 100 -11.19 0.88 25.21
CA LYS A 100 -10.37 2.07 25.14
C LYS A 100 -8.96 1.72 25.66
N ILE A 101 -7.99 1.71 24.75
CA ILE A 101 -6.62 1.34 25.07
C ILE A 101 -5.78 2.56 25.49
N GLU A 102 -5.01 2.41 26.56
CA GLU A 102 -4.18 3.51 27.00
C GLU A 102 -3.22 3.89 25.90
N GLY A 103 -3.02 5.20 25.75
CA GLY A 103 -2.03 5.75 24.88
C GLY A 103 -2.36 5.83 23.41
N TYR A 104 -3.58 5.47 23.02
CA TYR A 104 -4.09 5.62 21.65
C TYR A 104 -5.13 6.76 21.59
N GLU A 105 -5.05 7.61 20.57
CA GLU A 105 -6.02 8.69 20.40
C GLU A 105 -7.35 8.20 19.81
N LEU A 106 -8.44 8.67 20.39
CA LEU A 106 -9.81 8.37 19.95
C LEU A 106 -10.35 9.42 19.00
N TYR A 107 -9.81 10.64 19.09
CA TYR A 107 -10.25 11.75 18.23
C TYR A 107 -9.07 12.72 18.01
N GLY A 108 -9.32 13.78 17.23
CA GLY A 108 -8.41 14.90 17.19
C GLY A 108 -8.09 15.38 15.80
N GLY A 109 -7.14 16.30 15.73
CA GLY A 109 -6.77 16.95 14.51
C GLY A 109 -6.60 18.43 14.70
N PRO A 110 -6.38 19.18 13.61
CA PRO A 110 -6.35 18.68 12.25
C PRO A 110 -5.09 17.87 11.94
N TYR A 111 -5.20 16.82 11.14
CA TYR A 111 -4.07 15.99 10.79
C TYR A 111 -3.70 16.13 9.31
N CYS A 112 -2.42 16.35 9.02
CA CYS A 112 -1.85 16.22 7.69
C CYS A 112 -0.97 15.01 7.76
N ILE A 113 -1.28 14.00 6.95
CA ILE A 113 -0.64 12.72 6.97
C ILE A 113 -0.18 12.43 5.56
N ILE A 114 1.14 12.41 5.35
CA ILE A 114 1.71 12.21 4.03
C ILE A 114 2.54 10.95 4.03
N ASN A 115 2.54 10.19 2.94
CA ASN A 115 3.24 8.92 2.88
C ASN A 115 2.94 7.99 4.07
N PRO A 116 1.66 7.85 4.43
CA PRO A 116 1.38 6.97 5.58
C PRO A 116 1.97 5.58 5.39
N LYS A 117 2.58 5.06 6.46
CA LYS A 117 3.08 3.69 6.50
C LYS A 117 2.50 3.01 7.73
N ILE A 118 1.76 1.93 7.51
CA ILE A 118 1.17 1.15 8.59
C ILE A 118 2.28 0.33 9.27
N VAL A 119 2.56 0.63 10.54
CA VAL A 119 3.56 -0.11 11.25
C VAL A 119 3.00 -1.06 12.35
N ASP A 120 1.69 -1.00 12.61
CA ASP A 120 1.06 -1.93 13.54
C ASP A 120 -0.46 -1.93 13.36
N ILE A 121 -1.11 -3.09 13.52
CA ILE A 121 -2.54 -3.13 13.26
C ILE A 121 -3.16 -4.18 14.12
N SER A 122 -4.30 -3.83 14.74
CA SER A 122 -4.97 -4.74 15.69
C SER A 122 -5.59 -5.90 14.93
N GLN A 123 -5.62 -7.08 15.56
CA GLN A 123 -6.36 -8.21 15.02
C GLN A 123 -7.85 -8.12 15.43
N GLU A 124 -8.17 -7.54 16.58
CA GLU A 124 -9.58 -7.27 16.91
C GLU A 124 -10.12 -6.26 15.93
N LYS A 125 -11.35 -6.48 15.50
CA LYS A 125 -11.99 -5.67 14.49
C LYS A 125 -13.31 -5.15 15.02
N VAL A 126 -13.97 -4.29 14.26
CA VAL A 126 -15.24 -3.74 14.70
C VAL A 126 -16.08 -3.33 13.50
N LYS A 127 -17.41 -3.45 13.64
CA LYS A 127 -18.34 -3.09 12.57
C LYS A 127 -18.90 -1.70 12.82
N LEU A 128 -18.63 -0.76 11.92
CA LEU A 128 -19.08 0.64 12.10
C LEU A 128 -19.64 1.23 10.81
N LYS A 129 -20.48 2.23 10.96
CA LYS A 129 -21.12 2.91 9.83
C LYS A 129 -20.16 3.94 9.24
N GLU A 130 -20.00 3.93 7.91
CA GLU A 130 -19.12 4.84 7.23
C GLU A 130 -19.81 5.60 6.12
N GLY A 131 -19.29 6.80 5.85
CA GLY A 131 -19.70 7.60 4.73
C GLY A 131 -18.47 8.01 3.94
N CYS A 132 -18.68 8.79 2.90
CA CYS A 132 -17.57 9.22 2.07
C CYS A 132 -18.07 10.33 1.15
N LEU A 133 -17.32 11.42 1.11
CA LEU A 133 -17.65 12.54 0.26
C LEU A 133 -17.64 12.22 -1.24
N SER A 134 -16.98 11.13 -1.62
CA SER A 134 -16.96 10.65 -3.00
C SER A 134 -18.13 9.71 -3.28
N VAL A 135 -18.89 9.36 -2.23
CA VAL A 135 -20.13 8.60 -2.34
C VAL A 135 -21.26 9.32 -1.60
N PRO A 136 -21.57 10.54 -2.05
CA PRO A 136 -22.50 11.37 -1.27
C PRO A 136 -23.87 10.75 -1.15
N GLY A 137 -24.44 10.81 0.05
CA GLY A 137 -25.78 10.30 0.32
C GLY A 137 -25.86 8.84 0.73
N TYR A 138 -24.73 8.14 0.80
CA TYR A 138 -24.76 6.73 1.11
C TYR A 138 -23.85 6.34 2.25
N PHE A 139 -24.41 5.54 3.16
CA PHE A 139 -23.72 5.07 4.35
C PHE A 139 -23.97 3.59 4.55
N ASP A 140 -22.99 2.86 5.07
CA ASP A 140 -23.19 1.45 5.33
C ASP A 140 -22.16 0.93 6.34
N TYR A 141 -22.33 -0.29 6.81
CA TYR A 141 -21.47 -0.84 7.87
C TYR A 141 -20.32 -1.62 7.27
N ILE A 142 -19.13 -1.35 7.79
CA ILE A 142 -17.89 -1.92 7.29
C ILE A 142 -17.12 -2.47 8.50
N VAL A 143 -16.52 -3.65 8.34
CA VAL A 143 -15.70 -4.26 9.39
C VAL A 143 -14.23 -3.90 9.10
N ARG A 144 -13.57 -3.25 10.06
CA ARG A 144 -12.13 -2.93 9.96
C ARG A 144 -11.46 -3.16 11.32
N PRO A 145 -10.12 -3.25 11.32
CA PRO A 145 -9.39 -3.34 12.59
C PRO A 145 -9.71 -2.16 13.53
N GLN A 146 -9.69 -2.40 14.83
CA GLN A 146 -10.05 -1.37 15.77
C GLN A 146 -8.98 -0.31 15.91
N ARG A 147 -7.72 -0.68 15.76
CA ARG A 147 -6.62 0.24 16.05
C ARG A 147 -5.54 0.08 15.01
N ILE A 148 -4.83 1.17 14.77
CA ILE A 148 -3.76 1.19 13.82
C ILE A 148 -2.66 2.13 14.32
N ALA A 149 -1.40 1.80 14.06
CA ALA A 149 -0.31 2.72 14.27
C ALA A 149 0.27 3.03 12.88
N VAL A 150 0.44 4.31 12.59
CA VAL A 150 0.88 4.75 11.25
C VAL A 150 2.03 5.75 11.33
N GLN A 151 3.14 5.49 10.64
CA GLN A 151 4.22 6.47 10.53
C GLN A 151 3.95 7.35 9.32
N TYR A 152 4.33 8.63 9.41
CA TYR A 152 4.03 9.58 8.34
C TYR A 152 4.89 10.85 8.39
N LEU A 153 4.84 11.62 7.32
CA LEU A 153 5.42 12.96 7.31
C LEU A 153 4.30 13.98 7.50
N ASP A 154 4.52 15.00 8.32
CA ASP A 154 3.51 16.02 8.60
C ASP A 154 3.65 17.20 7.64
N TYR A 155 2.98 18.31 7.98
CA TYR A 155 2.84 19.48 7.12
C TYR A 155 4.16 20.11 6.76
N ASN A 156 5.16 19.96 7.63
CA ASN A 156 6.49 20.53 7.45
C ASN A 156 7.49 19.48 6.98
N GLY A 157 7.02 18.30 6.65
CA GLY A 157 7.90 17.21 6.23
C GLY A 157 8.62 16.45 7.34
N ASN A 158 8.19 16.61 8.60
CA ASN A 158 8.78 15.88 9.72
C ASN A 158 8.19 14.49 9.94
N GLU A 159 9.03 13.52 10.25
CA GLU A 159 8.59 12.18 10.63
C GLU A 159 7.75 12.14 11.91
N CYS A 160 6.59 11.51 11.86
CA CYS A 160 5.72 11.44 13.02
C CYS A 160 5.11 10.07 13.12
N ILE A 161 4.45 9.81 14.24
CA ILE A 161 3.69 8.58 14.40
C ILE A 161 2.36 8.85 15.08
N ILE A 162 1.30 8.19 14.60
CA ILE A 162 0.00 8.28 15.23
C ILE A 162 -0.45 6.90 15.66
N LYS A 163 -0.84 6.77 16.94
CA LYS A 163 -1.45 5.55 17.46
C LYS A 163 -2.92 5.90 17.64
N ALA A 164 -3.75 5.37 16.75
CA ALA A 164 -5.16 5.70 16.67
C ALA A 164 -6.07 4.53 17.06
N GLN A 165 -7.19 4.88 17.68
CA GLN A 165 -8.29 3.97 17.89
C GLN A 165 -9.65 4.64 17.63
N GLY A 166 -10.72 3.90 17.87
CA GLY A 166 -12.07 4.43 17.79
C GLY A 166 -12.31 5.03 16.41
N TRP A 167 -12.96 6.18 16.36
CA TRP A 167 -13.26 6.80 15.08
C TRP A 167 -12.04 7.39 14.37
N LEU A 168 -11.01 7.76 15.13
CA LEU A 168 -9.79 8.29 14.51
C LEU A 168 -9.23 7.22 13.61
N ALA A 169 -9.13 6.00 14.13
CA ALA A 169 -8.55 4.85 13.36
C ALA A 169 -9.46 4.41 12.24
N ARG A 170 -10.77 4.52 12.44
CA ARG A 170 -11.71 4.18 11.38
C ARG A 170 -11.49 5.14 10.18
N CYS A 171 -11.48 6.44 10.47
CA CYS A 171 -11.26 7.48 9.46
CA CYS A 171 -11.27 7.45 9.43
C CYS A 171 -9.89 7.33 8.79
N LEU A 172 -8.85 7.12 9.59
CA LEU A 172 -7.50 6.98 9.04
C LEU A 172 -7.42 5.82 8.04
N GLN A 173 -8.03 4.68 8.41
CA GLN A 173 -8.06 3.49 7.56
C GLN A 173 -8.88 3.69 6.29
N HIS A 174 -10.06 4.28 6.43
CA HIS A 174 -10.86 4.69 5.30
C HIS A 174 -10.02 5.53 4.30
N GLU A 175 -9.26 6.49 4.81
CA GLU A 175 -8.54 7.39 3.90
C GLU A 175 -7.35 6.70 3.29
N ILE A 176 -6.66 5.86 4.06
CA ILE A 176 -5.56 5.11 3.49
C ILE A 176 -6.06 4.23 2.34
N ASP A 177 -7.23 3.64 2.51
CA ASP A 177 -7.85 2.88 1.41
C ASP A 177 -7.93 3.72 0.11
N HIS A 178 -8.27 5.00 0.19
CA HIS A 178 -8.36 5.80 -1.06
C HIS A 178 -6.99 5.85 -1.76
N LEU A 179 -5.93 6.01 -0.97
CA LEU A 179 -4.58 6.14 -1.50
C LEU A 179 -4.22 4.90 -2.32
N ASN A 180 -4.90 3.80 -2.02
CA ASN A 180 -4.67 2.55 -2.70
C ASN A 180 -5.77 2.23 -3.72
N GLY A 181 -6.59 3.20 -4.10
CA GLY A 181 -7.58 2.98 -5.15
C GLY A 181 -8.84 2.24 -4.73
N THR A 182 -9.22 2.37 -3.47
CA THR A 182 -10.35 1.63 -2.91
C THR A 182 -11.30 2.60 -2.21
N VAL A 183 -12.57 2.53 -2.61
CA VAL A 183 -13.65 3.21 -1.93
C VAL A 183 -14.39 2.16 -1.11
N PHE A 184 -15.14 2.57 -0.09
CA PHE A 184 -15.65 1.57 0.86
C PHE A 184 -16.70 0.62 0.30
N LEU A 185 -17.26 0.98 -0.86
CA LEU A 185 -18.20 0.14 -1.58
C LEU A 185 -17.59 -1.24 -1.99
N LYS A 186 -16.28 -1.35 -2.00
CA LYS A 186 -15.61 -2.59 -2.38
C LYS A 186 -15.94 -3.74 -1.46
N TYR A 187 -16.18 -3.45 -0.19
CA TYR A 187 -16.40 -4.48 0.80
C TYR A 187 -17.87 -4.88 0.91
N LEU A 188 -18.75 -4.17 0.20
CA LEU A 188 -20.18 -4.48 0.20
C LEU A 188 -20.52 -5.43 -0.92
N SER A 189 -21.67 -6.07 -0.82
CA SER A 189 -22.17 -6.90 -1.91
C SER A 189 -22.34 -6.02 -3.14
N LYS A 190 -22.35 -6.65 -4.32
CA LYS A 190 -22.42 -5.89 -5.58
C LYS A 190 -23.73 -5.14 -5.75
N PHE A 191 -24.80 -5.71 -5.21
CA PHE A 191 -26.09 -5.05 -5.25
C PHE A 191 -26.00 -3.69 -4.52
N LYS A 192 -25.38 -3.69 -3.34
CA LYS A 192 -25.30 -2.48 -2.53
C LYS A 192 -24.34 -1.48 -3.13
N ARG A 193 -23.22 -1.97 -3.64
CA ARG A 193 -22.25 -1.09 -4.29
C ARG A 193 -22.93 -0.33 -5.44
N ASP A 194 -23.63 -1.07 -6.31
CA ASP A 194 -24.28 -0.48 -7.46
C ASP A 194 -25.52 0.32 -7.13
N PHE A 195 -26.15 0.02 -6.00
CA PHE A 195 -27.26 0.81 -5.49
C PHE A 195 -26.72 2.17 -5.04
N ALA A 196 -25.63 2.13 -4.26
CA ALA A 196 -24.99 3.35 -3.80
C ALA A 196 -24.57 4.23 -4.98
N ILE A 197 -23.97 3.61 -6.00
CA ILE A 197 -23.47 4.36 -7.17
C ILE A 197 -24.61 5.02 -7.95
N GLU A 198 -25.75 4.32 -8.00
CA GLU A 198 -26.95 4.81 -8.67
C GLU A 198 -27.58 5.94 -7.84
N LYS A 199 -27.51 5.81 -6.53
CA LYS A 199 -27.97 6.86 -5.64
C LYS A 199 -27.18 8.13 -5.89
N VAL A 200 -25.87 8.00 -6.05
CA VAL A 200 -25.03 9.14 -6.42
C VAL A 200 -25.40 9.71 -7.80
N LYS A 201 -25.50 8.86 -8.82
CA LYS A 201 -25.84 9.37 -10.16
C LYS A 201 -27.19 10.13 -10.13
N LYS A 202 -28.19 9.60 -9.41
CA LYS A 202 -29.48 10.30 -9.26
C LYS A 202 -29.39 11.54 -8.38
N LYS A 203 -28.69 11.45 -7.25
CA LYS A 203 -28.54 12.60 -6.33
C LYS A 203 -27.79 13.79 -6.95
N GLU A 204 -27.02 13.56 -8.02
CA GLU A 204 -26.22 14.62 -8.65
C GLU A 204 -27.05 15.46 -9.64
N ARG A 205 -28.23 14.95 -9.99
CA ARG A 205 -29.24 15.71 -10.72
C ARG A 205 -30.15 16.43 -9.73
N THR A 206 -30.04 17.76 -9.66
CA THR A 206 -31.04 18.58 -8.98
C THR A 206 -32.31 18.51 -9.86
N ASP A 207 -33.42 18.03 -9.29
CA ASP A 207 -34.58 17.61 -10.10
C ASP A 207 -35.46 18.77 -10.52
N LEU A 208 -35.84 18.80 -11.80
CA LEU A 208 -36.65 19.89 -12.35
C LEU A 208 -38.12 19.69 -12.02
N ILE A 209 -38.58 20.42 -11.01
CA ILE A 209 -39.88 20.17 -10.41
C ILE A 209 -40.97 20.88 -11.20
N SER B 23 8.80 -18.86 -20.73
CA SER B 23 9.48 -17.67 -21.36
C SER B 23 10.16 -16.78 -20.30
N VAL B 24 11.44 -16.45 -20.57
CA VAL B 24 12.29 -15.72 -19.63
C VAL B 24 12.29 -14.25 -20.02
N LEU B 25 11.78 -13.38 -19.15
CA LEU B 25 11.54 -11.96 -19.51
C LEU B 25 12.71 -11.07 -19.16
N SER B 26 12.74 -9.90 -19.79
CA SER B 26 13.74 -8.89 -19.51
C SER B 26 13.39 -8.18 -18.19
N ILE B 27 14.43 -7.80 -17.43
CA ILE B 27 14.30 -7.21 -16.10
C ILE B 27 14.61 -5.70 -16.13
N VAL B 28 13.64 -4.88 -15.72
CA VAL B 28 13.85 -3.45 -15.60
C VAL B 28 14.82 -3.18 -14.47
N THR B 29 15.87 -2.40 -14.74
CA THR B 29 16.85 -2.04 -13.71
C THR B 29 16.87 -0.52 -13.41
N VAL B 30 17.21 -0.16 -12.16
CA VAL B 30 17.38 1.23 -11.76
C VAL B 30 18.39 1.86 -12.71
N PRO B 31 18.22 3.16 -13.03
CA PRO B 31 17.26 4.12 -12.50
C PRO B 31 15.98 4.24 -13.31
N ASP B 32 15.60 3.20 -14.04
CA ASP B 32 14.37 3.24 -14.82
C ASP B 32 13.16 3.68 -13.95
N LYS B 33 12.59 4.83 -14.30
CA LYS B 33 11.49 5.43 -13.53
C LYS B 33 10.23 4.54 -13.39
N ARG B 34 10.06 3.53 -14.25
CA ARG B 34 8.96 2.59 -14.10
C ARG B 34 8.97 1.90 -12.75
N LEU B 35 10.16 1.71 -12.19
CA LEU B 35 10.32 1.08 -10.89
C LEU B 35 9.79 1.98 -9.76
N SER B 36 9.62 3.27 -10.03
CA SER B 36 9.11 4.22 -9.03
C SER B 36 7.58 4.41 -9.03
N LEU B 37 6.87 3.80 -9.96
CA LEU B 37 5.42 3.99 -10.04
C LEU B 37 4.69 2.85 -9.32
N CYS B 38 3.58 3.16 -8.63
CA CYS B 38 2.81 2.13 -7.92
C CYS B 38 2.03 1.24 -8.87
N SER B 39 1.86 0.00 -8.45
CA SER B 39 1.23 -1.02 -9.27
C SER B 39 -0.26 -1.10 -8.91
N GLU B 40 -1.08 -1.42 -9.90
CA GLU B 40 -2.51 -1.52 -9.69
C GLU B 40 -2.97 -2.91 -9.28
N GLU B 41 -4.03 -2.91 -8.50
CA GLU B 41 -4.75 -4.11 -8.11
C GLU B 41 -5.26 -4.93 -9.31
N VAL B 42 -5.19 -6.25 -9.17
CA VAL B 42 -5.67 -7.19 -10.21
C VAL B 42 -7.17 -7.41 -10.02
N GLU B 43 -7.98 -7.08 -11.03
CA GLU B 43 -9.44 -7.19 -10.92
C GLU B 43 -9.89 -8.65 -10.79
N LYS B 44 -9.31 -9.54 -11.60
CA LYS B 44 -9.57 -10.97 -11.46
C LYS B 44 -8.40 -11.79 -11.98
N VAL B 45 -8.22 -12.94 -11.34
CA VAL B 45 -7.13 -13.85 -11.68
C VAL B 45 -7.65 -14.76 -12.79
N ASP B 46 -7.37 -14.37 -14.04
CA ASP B 46 -7.81 -15.17 -15.18
C ASP B 46 -6.61 -15.84 -15.85
N GLN B 47 -6.86 -16.47 -17.00
CA GLN B 47 -5.82 -17.10 -17.79
C GLN B 47 -4.66 -16.14 -18.00
N SER B 48 -4.95 -14.89 -18.29
CA SER B 48 -3.88 -13.98 -18.66
C SER B 48 -2.99 -13.61 -17.47
N ILE B 49 -3.54 -13.60 -16.26
CA ILE B 49 -2.70 -13.36 -15.10
C ILE B 49 -1.80 -14.60 -14.86
N ARG B 50 -2.36 -15.80 -15.00
CA ARG B 50 -1.62 -17.04 -14.76
C ARG B 50 -0.39 -17.18 -15.67
N LYS B 51 -0.58 -16.91 -16.97
CA LYS B 51 0.51 -16.89 -17.94
C LYS B 51 1.61 -15.92 -17.54
N LEU B 52 1.24 -14.73 -17.04
CA LEU B 52 2.21 -13.74 -16.60
C LEU B 52 2.97 -14.24 -15.38
N VAL B 53 2.22 -14.78 -14.42
CA VAL B 53 2.81 -15.46 -13.27
C VAL B 53 3.74 -16.62 -13.68
N ASP B 54 3.38 -17.44 -14.68
CA ASP B 54 4.32 -18.49 -15.17
C ASP B 54 5.63 -17.88 -15.67
N ASP B 55 5.52 -16.80 -16.45
CA ASP B 55 6.68 -16.14 -17.04
C ASP B 55 7.54 -15.52 -15.95
N MET B 56 6.90 -14.88 -14.98
CA MET B 56 7.61 -14.25 -13.90
C MET B 56 8.43 -15.28 -13.12
N PHE B 57 7.84 -16.45 -12.90
CA PHE B 57 8.51 -17.48 -12.12
C PHE B 57 9.69 -18.07 -12.90
N GLU B 58 9.45 -18.36 -14.17
CA GLU B 58 10.52 -18.81 -15.06
C GLU B 58 11.65 -17.77 -15.10
N THR B 59 11.30 -16.49 -15.14
CA THR B 59 12.29 -15.44 -15.18
C THR B 59 13.10 -15.38 -13.88
N MET B 60 12.41 -15.55 -12.76
CA MET B 60 13.05 -15.55 -11.45
C MET B 60 13.99 -16.73 -11.29
N HIS B 61 13.56 -17.91 -11.73
CA HIS B 61 14.38 -19.10 -11.57
C HIS B 61 15.60 -19.02 -12.48
N ALA B 62 15.40 -18.54 -13.71
CA ALA B 62 16.49 -18.32 -14.67
C ALA B 62 17.56 -17.37 -14.13
N ASN B 63 17.15 -16.37 -13.36
CA ASN B 63 18.09 -15.39 -12.80
C ASN B 63 18.52 -15.73 -11.35
N GLN B 64 18.15 -16.91 -10.87
CA GLN B 64 18.53 -17.39 -9.54
C GLN B 64 18.08 -16.47 -8.40
N GLY B 65 16.87 -15.92 -8.54
CA GLY B 65 16.33 -15.04 -7.54
C GLY B 65 15.37 -15.71 -6.57
N LEU B 66 15.20 -15.11 -5.40
CA LEU B 66 14.26 -15.59 -4.41
C LEU B 66 12.88 -14.88 -4.53
N GLY B 67 12.82 -13.76 -5.25
CA GLY B 67 11.60 -12.98 -5.38
C GLY B 67 11.53 -12.17 -6.66
N LEU B 68 10.34 -11.76 -7.06
CA LEU B 68 10.19 -10.97 -8.29
C LEU B 68 8.82 -10.33 -8.37
N ALA B 69 8.79 -9.02 -8.53
CA ALA B 69 7.53 -8.29 -8.65
C ALA B 69 7.27 -8.03 -10.14
N ALA B 70 6.01 -7.92 -10.53
CA ALA B 70 5.64 -7.72 -11.94
C ALA B 70 6.24 -6.43 -12.53
N VAL B 71 6.30 -5.37 -11.74
CA VAL B 71 6.91 -4.11 -12.22
C VAL B 71 8.32 -4.35 -12.68
N GLN B 72 9.02 -5.30 -12.08
CA GLN B 72 10.37 -5.66 -12.53
C GLN B 72 10.44 -6.25 -13.94
N VAL B 73 9.31 -6.76 -14.45
CA VAL B 73 9.23 -7.16 -15.87
C VAL B 73 8.37 -6.19 -16.70
N GLY B 74 8.17 -4.97 -16.21
CA GLY B 74 7.51 -3.92 -16.99
C GLY B 74 6.00 -3.83 -16.88
N VAL B 75 5.40 -4.57 -15.94
CA VAL B 75 3.94 -4.62 -15.82
C VAL B 75 3.52 -4.11 -14.45
N HIS B 76 2.67 -3.10 -14.42
CA HIS B 76 2.33 -2.44 -13.19
C HIS B 76 1.09 -3.03 -12.54
N LYS B 77 1.21 -4.29 -12.10
CA LYS B 77 0.11 -5.00 -11.45
C LYS B 77 0.63 -5.58 -10.15
N ARG B 78 -0.27 -5.71 -9.18
CA ARG B 78 0.09 -6.13 -7.84
C ARG B 78 0.18 -7.66 -7.80
N ILE B 79 1.29 -8.18 -8.32
CA ILE B 79 1.56 -9.62 -8.42
C ILE B 79 3.03 -9.81 -8.08
N LEU B 80 3.33 -10.80 -7.25
CA LEU B 80 4.72 -11.18 -6.99
C LEU B 80 4.78 -12.67 -6.79
N VAL B 81 5.97 -13.21 -7.04
CA VAL B 81 6.27 -14.61 -6.83
C VAL B 81 7.52 -14.70 -5.97
N MET B 82 7.61 -15.79 -5.21
CA MET B 82 8.71 -16.03 -4.27
C MET B 82 9.04 -17.48 -4.27
N ASN B 83 10.31 -17.79 -4.01
CA ASN B 83 10.77 -19.14 -3.67
C ASN B 83 12.02 -19.02 -2.78
N VAL B 84 11.82 -19.27 -1.48
CA VAL B 84 12.87 -19.21 -0.48
C VAL B 84 13.23 -20.62 -0.02
N PRO B 85 14.37 -21.14 -0.48
CA PRO B 85 14.70 -22.49 -0.04
C PRO B 85 15.09 -22.55 1.41
N GLU B 86 14.94 -23.73 1.98
CA GLU B 86 15.42 -24.00 3.33
C GLU B 86 16.94 -23.82 3.35
N GLU B 87 17.44 -23.19 4.41
CA GLU B 87 18.88 -23.15 4.71
C GLU B 87 19.44 -24.57 4.72
N PHE B 88 20.50 -24.84 3.93
CA PHE B 88 21.30 -26.07 4.11
C PHE B 88 21.85 -26.04 5.54
N GLU B 89 21.29 -26.87 6.43
CA GLU B 89 21.49 -26.74 7.87
C GLU B 89 22.69 -27.50 8.43
N ASP B 90 23.78 -26.80 8.71
CA ASP B 90 24.89 -27.39 9.51
C ASP B 90 24.60 -27.10 11.00
N ASP B 99 13.20 -21.67 16.02
CA ASP B 99 11.85 -22.20 16.01
C ASP B 99 10.90 -21.21 15.34
N LYS B 100 9.77 -21.76 14.91
CA LYS B 100 8.70 -20.99 14.31
C LYS B 100 7.59 -20.79 15.35
N ILE B 101 6.82 -19.74 15.15
CA ILE B 101 5.53 -19.63 15.80
C ILE B 101 4.54 -20.57 15.06
N GLU B 102 3.67 -21.25 15.82
CA GLU B 102 2.62 -22.07 15.23
C GLU B 102 1.90 -21.31 14.12
N GLY B 103 1.88 -21.91 12.92
CA GLY B 103 1.21 -21.33 11.76
C GLY B 103 2.15 -20.54 10.85
N TYR B 104 3.32 -20.19 11.35
CA TYR B 104 4.27 -19.38 10.60
C TYR B 104 5.24 -20.26 9.77
N GLU B 105 5.85 -19.67 8.74
CA GLU B 105 6.90 -20.35 8.00
C GLU B 105 8.14 -19.47 7.84
N LEU B 106 9.30 -20.12 7.90
CA LEU B 106 10.61 -19.47 7.71
C LEU B 106 11.12 -19.55 6.26
N TYR B 107 10.58 -20.51 5.52
CA TYR B 107 10.95 -20.74 4.12
C TYR B 107 9.76 -21.32 3.38
N GLY B 108 9.92 -21.43 2.06
CA GLY B 108 9.03 -22.22 1.23
C GLY B 108 8.75 -21.56 -0.09
N GLY B 109 7.77 -22.13 -0.77
CA GLY B 109 7.43 -21.73 -2.12
C GLY B 109 7.46 -22.93 -3.04
N PRO B 110 7.20 -22.71 -4.32
CA PRO B 110 6.91 -21.39 -4.89
C PRO B 110 5.59 -20.81 -4.42
N TYR B 111 5.56 -19.48 -4.27
CA TYR B 111 4.37 -18.73 -3.89
C TYR B 111 3.94 -17.80 -5.01
N CYS B 112 2.65 -17.70 -5.25
CA CYS B 112 2.11 -16.69 -6.15
C CYS B 112 1.22 -15.80 -5.31
N ILE B 113 1.56 -14.52 -5.22
CA ILE B 113 0.86 -13.60 -4.31
C ILE B 113 0.34 -12.39 -5.04
N ILE B 114 -0.98 -12.32 -5.13
CA ILE B 114 -1.65 -11.32 -5.91
C ILE B 114 -2.46 -10.45 -4.95
N ASN B 115 -2.45 -9.14 -5.18
CA ASN B 115 -3.18 -8.23 -4.31
C ASN B 115 -2.84 -8.39 -2.82
N PRO B 116 -1.56 -8.39 -2.47
CA PRO B 116 -1.26 -8.62 -1.07
C PRO B 116 -1.78 -7.50 -0.15
N LYS B 117 -2.29 -7.90 1.00
CA LYS B 117 -2.75 -6.97 2.03
C LYS B 117 -2.04 -7.34 3.33
N ILE B 118 -1.36 -6.38 3.96
CA ILE B 118 -0.69 -6.63 5.24
C ILE B 118 -1.72 -6.62 6.35
N VAL B 119 -1.86 -7.72 7.09
CA VAL B 119 -2.85 -7.77 8.20
C VAL B 119 -2.28 -7.84 9.64
N ASP B 120 -0.97 -8.03 9.76
CA ASP B 120 -0.26 -8.05 11.02
C ASP B 120 1.23 -7.92 10.71
N ILE B 121 1.95 -7.18 11.54
CA ILE B 121 3.34 -6.95 11.33
C ILE B 121 4.05 -6.76 12.65
N SER B 122 5.24 -7.36 12.77
CA SER B 122 5.95 -7.42 14.07
C SER B 122 6.55 -6.08 14.44
N GLN B 123 6.61 -5.79 15.74
CA GLN B 123 7.36 -4.61 16.21
C GLN B 123 8.89 -4.86 16.20
N GLU B 124 9.27 -6.12 16.35
CA GLU B 124 10.68 -6.51 16.33
C GLU B 124 11.22 -6.32 14.93
N LYS B 125 12.38 -5.71 14.79
CA LYS B 125 13.01 -5.48 13.47
C LYS B 125 14.34 -6.20 13.39
N VAL B 126 14.71 -6.58 12.16
CA VAL B 126 15.98 -7.30 11.96
C VAL B 126 16.75 -6.70 10.78
N LYS B 127 18.07 -6.64 10.91
CA LYS B 127 18.97 -6.13 9.87
C LYS B 127 19.48 -7.30 9.05
N LEU B 128 19.22 -7.31 7.75
CA LEU B 128 19.71 -8.38 6.90
C LEU B 128 20.29 -7.81 5.60
N LYS B 129 21.18 -8.56 4.95
CA LYS B 129 21.74 -8.14 3.69
C LYS B 129 20.78 -8.48 2.58
N GLU B 130 20.48 -7.49 1.73
CA GLU B 130 19.57 -7.66 0.59
C GLU B 130 20.26 -7.40 -0.73
N GLY B 131 19.77 -8.08 -1.76
CA GLY B 131 20.12 -7.80 -3.13
C GLY B 131 18.82 -7.71 -3.91
N CYS B 132 18.92 -7.42 -5.21
CA CYS B 132 17.73 -7.28 -6.05
C CYS B 132 18.15 -7.33 -7.51
N LEU B 133 17.34 -7.99 -8.33
CA LEU B 133 17.62 -8.09 -9.77
C LEU B 133 17.48 -6.76 -10.53
N SER B 134 16.81 -5.78 -9.92
CA SER B 134 16.69 -4.44 -10.52
C SER B 134 17.82 -3.52 -10.06
N VAL B 135 18.71 -4.03 -9.20
CA VAL B 135 19.92 -3.33 -8.81
C VAL B 135 21.07 -4.33 -8.81
N PRO B 136 21.39 -4.88 -9.98
CA PRO B 136 22.35 -5.99 -10.07
C PRO B 136 23.75 -5.60 -9.63
N GLY B 137 24.38 -6.45 -8.82
CA GLY B 137 25.77 -6.19 -8.42
C GLY B 137 25.92 -5.35 -7.16
N TYR B 138 24.80 -4.99 -6.53
CA TYR B 138 24.82 -4.19 -5.30
C TYR B 138 24.00 -4.85 -4.19
N PHE B 139 24.60 -4.90 -3.01
CA PHE B 139 24.01 -5.56 -1.84
C PHE B 139 24.20 -4.66 -0.66
N ASP B 140 23.19 -4.54 0.20
CA ASP B 140 23.36 -3.76 1.43
C ASP B 140 22.40 -4.21 2.54
N TYR B 141 22.66 -3.73 3.76
CA TYR B 141 21.91 -4.14 4.93
C TYR B 141 20.70 -3.27 5.10
N ILE B 142 19.54 -3.90 5.27
CA ILE B 142 18.30 -3.18 5.48
C ILE B 142 17.59 -3.72 6.72
N VAL B 143 17.09 -2.81 7.54
CA VAL B 143 16.31 -3.15 8.70
C VAL B 143 14.82 -3.17 8.31
N ARG B 144 14.14 -4.30 8.57
CA ARG B 144 12.69 -4.38 8.45
C ARG B 144 12.10 -5.28 9.54
N PRO B 145 10.77 -5.21 9.72
CA PRO B 145 10.12 -6.14 10.61
C PRO B 145 10.52 -7.59 10.37
N GLN B 146 10.65 -8.31 11.47
CA GLN B 146 11.06 -9.67 11.43
C GLN B 146 9.95 -10.60 10.91
N ARG B 147 8.70 -10.32 11.32
CA ARG B 147 7.54 -11.14 10.93
C ARG B 147 6.41 -10.30 10.33
N ILE B 148 5.64 -10.91 9.44
CA ILE B 148 4.56 -10.23 8.75
C ILE B 148 3.50 -11.25 8.36
N ALA B 149 2.24 -10.87 8.48
CA ALA B 149 1.14 -11.70 7.97
C ALA B 149 0.42 -10.94 6.85
N VAL B 150 0.13 -11.63 5.76
CA VAL B 150 -0.34 -11.03 4.52
C VAL B 150 -1.46 -11.88 3.92
N GLN B 151 -2.59 -11.24 3.57
CA GLN B 151 -3.65 -11.87 2.81
C GLN B 151 -3.47 -11.57 1.35
N TYR B 152 -3.84 -12.53 0.52
CA TYR B 152 -3.62 -12.41 -0.90
C TYR B 152 -4.52 -13.37 -1.67
N LEU B 153 -4.58 -13.14 -2.98
CA LEU B 153 -5.17 -14.09 -3.90
C LEU B 153 -4.05 -14.97 -4.46
N ASP B 154 -4.30 -16.29 -4.52
CA ASP B 154 -3.33 -17.24 -5.04
C ASP B 154 -3.53 -17.46 -6.55
N TYR B 155 -2.75 -18.37 -7.12
CA TYR B 155 -2.72 -18.65 -8.58
C TYR B 155 -4.09 -19.04 -9.06
N ASN B 156 -4.82 -19.78 -8.22
CA ASN B 156 -6.19 -20.22 -8.50
C ASN B 156 -7.27 -19.17 -8.25
N GLY B 157 -6.90 -17.98 -7.77
CA GLY B 157 -7.89 -16.95 -7.47
C GLY B 157 -8.57 -17.13 -6.11
N ASN B 158 -8.01 -17.98 -5.28
CA ASN B 158 -8.56 -18.22 -3.95
C ASN B 158 -7.85 -17.35 -2.91
N GLU B 159 -8.61 -16.97 -1.89
CA GLU B 159 -8.13 -16.16 -0.77
C GLU B 159 -7.26 -16.99 0.18
N CYS B 160 -6.06 -16.47 0.44
CA CYS B 160 -5.10 -17.12 1.35
C CYS B 160 -4.45 -16.11 2.29
N ILE B 161 -3.79 -16.66 3.30
CA ILE B 161 -3.05 -15.92 4.28
C ILE B 161 -1.69 -16.60 4.37
N ILE B 162 -0.60 -15.84 4.36
CA ILE B 162 0.72 -16.37 4.63
C ILE B 162 1.25 -15.70 5.87
N LYS B 163 1.69 -16.50 6.85
CA LYS B 163 2.32 -15.95 8.02
C LYS B 163 3.81 -16.26 7.89
N ALA B 164 4.65 -15.22 7.87
CA ALA B 164 6.03 -15.35 7.43
C ALA B 164 6.96 -14.83 8.46
N GLN B 165 8.07 -15.55 8.68
CA GLN B 165 9.20 -15.10 9.48
C GLN B 165 10.47 -15.26 8.65
N GLY B 166 11.58 -14.81 9.23
CA GLY B 166 12.92 -15.00 8.71
C GLY B 166 13.02 -14.50 7.27
N TRP B 167 13.66 -15.29 6.41
CA TRP B 167 13.92 -14.90 5.04
C TRP B 167 12.65 -14.83 4.22
N LEU B 168 11.65 -15.64 4.60
CA LEU B 168 10.36 -15.60 3.85
C LEU B 168 9.65 -14.25 4.06
N ALA B 169 9.65 -13.78 5.31
CA ALA B 169 9.11 -12.46 5.65
C ALA B 169 9.94 -11.37 5.01
N ARG B 170 11.25 -11.58 4.97
CA ARG B 170 12.15 -10.64 4.35
C ARG B 170 11.85 -10.47 2.87
N CYS B 171 11.81 -11.58 2.14
CA CYS B 171 11.57 -11.56 0.70
CA CYS B 171 11.59 -11.50 0.70
C CYS B 171 10.21 -10.93 0.41
N LEU B 172 9.22 -11.35 1.17
CA LEU B 172 7.87 -10.85 0.97
C LEU B 172 7.79 -9.33 1.13
N GLN B 173 8.39 -8.75 2.15
CA GLN B 173 8.30 -7.28 2.31
C GLN B 173 9.09 -6.54 1.20
N HIS B 174 10.28 -7.06 0.86
CA HIS B 174 11.05 -6.50 -0.25
C HIS B 174 10.18 -6.43 -1.55
N GLU B 175 9.49 -7.52 -1.86
CA GLU B 175 8.68 -7.57 -3.06
C GLU B 175 7.44 -6.68 -2.98
N ILE B 176 6.78 -6.66 -1.82
CA ILE B 176 5.68 -5.73 -1.63
C ILE B 176 6.13 -4.26 -1.86
N ASP B 177 7.31 -3.88 -1.39
CA ASP B 177 7.87 -2.55 -1.69
C ASP B 177 7.84 -2.21 -3.19
N HIS B 178 8.18 -3.20 -4.03
CA HIS B 178 8.22 -2.96 -5.47
C HIS B 178 6.84 -2.55 -5.93
N LEU B 179 5.80 -3.22 -5.44
CA LEU B 179 4.44 -2.93 -5.86
C LEU B 179 4.04 -1.49 -5.55
N ASN B 180 4.62 -0.93 -4.48
CA ASN B 180 4.38 0.46 -4.09
C ASN B 180 5.38 1.44 -4.72
N GLY B 181 6.21 0.96 -5.64
CA GLY B 181 7.19 1.81 -6.32
C GLY B 181 8.44 2.11 -5.53
N THR B 182 8.88 1.14 -4.72
CA THR B 182 10.03 1.32 -3.86
C THR B 182 11.06 0.23 -4.08
N VAL B 183 12.31 0.63 -4.34
CA VAL B 183 13.43 -0.28 -4.40
C VAL B 183 14.23 -0.12 -3.10
N PHE B 184 15.01 -1.13 -2.74
CA PHE B 184 15.61 -1.14 -1.41
C PHE B 184 16.61 -0.02 -1.19
N LEU B 185 17.08 0.61 -2.26
CA LEU B 185 18.01 1.76 -2.12
C LEU B 185 17.37 2.93 -1.36
N LYS B 186 16.05 3.03 -1.42
CA LYS B 186 15.34 4.08 -0.68
C LYS B 186 15.72 4.20 0.81
N TYR B 187 16.04 3.07 1.45
CA TYR B 187 16.29 3.05 2.87
C TYR B 187 17.71 3.45 3.22
N LEU B 188 18.57 3.48 2.21
CA LEU B 188 19.96 3.87 2.39
C LEU B 188 20.11 5.40 2.25
N SER B 189 21.23 5.89 2.76
CA SER B 189 21.62 7.28 2.61
C SER B 189 21.72 7.60 1.12
N LYS B 190 21.52 8.88 0.79
CA LYS B 190 21.63 9.35 -0.60
C LYS B 190 22.98 9.02 -1.24
N PHE B 191 24.01 8.95 -0.39
CA PHE B 191 25.37 8.72 -0.86
C PHE B 191 25.47 7.29 -1.39
N LYS B 192 24.95 6.34 -0.62
CA LYS B 192 25.03 4.93 -1.03
C LYS B 192 24.11 4.62 -2.18
N ARG B 193 22.94 5.24 -2.17
CA ARG B 193 21.94 5.04 -3.21
C ARG B 193 22.55 5.45 -4.54
N ASP B 194 23.13 6.66 -4.62
CA ASP B 194 23.69 7.22 -5.86
C ASP B 194 24.87 6.38 -6.36
N PHE B 195 25.73 5.96 -5.44
CA PHE B 195 26.83 5.04 -5.79
C PHE B 195 26.27 3.71 -6.38
N ALA B 196 25.18 3.21 -5.80
CA ALA B 196 24.54 1.99 -6.30
C ALA B 196 24.03 2.15 -7.74
N ILE B 197 23.29 3.23 -8.00
CA ILE B 197 22.74 3.56 -9.31
C ILE B 197 23.83 3.78 -10.35
N GLU B 198 24.92 4.44 -9.94
CA GLU B 198 26.05 4.72 -10.84
C GLU B 198 26.88 3.45 -11.09
N LYS B 199 26.87 2.50 -10.16
CA LYS B 199 27.52 1.21 -10.35
C LYS B 199 26.74 0.32 -11.32
N VAL B 200 25.41 0.38 -11.27
CA VAL B 200 24.57 -0.37 -12.21
C VAL B 200 24.76 0.13 -13.65
N LYS B 201 24.90 1.44 -13.80
CA LYS B 201 25.06 2.07 -15.11
C LYS B 201 26.47 1.88 -15.65
N LYS B 202 27.49 2.05 -14.80
CA LYS B 202 28.88 1.88 -15.23
C LYS B 202 29.11 0.44 -15.71
N LYS B 203 28.45 -0.55 -15.10
CA LYS B 203 28.49 -1.94 -15.58
C LYS B 203 27.86 -2.06 -16.98
N GLU B 204 26.70 -1.43 -17.16
CA GLU B 204 26.04 -1.40 -18.48
C GLU B 204 26.84 -0.61 -19.54
N ARG B 205 27.45 0.51 -19.13
CA ARG B 205 28.28 1.33 -20.03
C ARG B 205 29.61 0.64 -20.37
N THR B 206 30.20 -0.03 -19.37
CA THR B 206 31.44 -0.81 -19.57
C THR B 206 31.17 -2.03 -20.46
N ASP B 207 29.98 -2.62 -20.32
CA ASP B 207 29.53 -3.70 -21.21
C ASP B 207 29.43 -3.28 -22.70
N LEU B 208 29.35 -1.98 -22.97
CA LEU B 208 29.22 -1.46 -24.34
C LEU B 208 30.52 -0.92 -24.97
N ILE B 209 31.66 -1.06 -24.29
CA ILE B 209 32.94 -0.52 -24.77
C ILE B 209 33.40 -1.11 -26.12
#